data_8X5J
#
_entry.id   8X5J
#
_cell.length_a   63.674
_cell.length_b   52.179
_cell.length_c   68.089
_cell.angle_alpha   90.000
_cell.angle_beta   93.842
_cell.angle_gamma   90.000
#
_symmetry.space_group_name_H-M   'P 1 21 1'
#
loop_
_entity.id
_entity.type
_entity.pdbx_description
1 polymer 'Poly [ADP-ribose] polymerase'
2 non-polymer 'ZINC ION'
3 non-polymer 'L(+)-TARTARIC ACID'
4 non-polymer 1,2-ETHANEDIOL
5 water water
#
_entity_poly.entity_id   1
_entity_poly.type   'polypeptide(L)'
_entity_poly.pdbx_seq_one_letter_code
;QGTILLDLAPEDKEYQSVEEEMQSTIREHRDGGNAGGIFNRYNVIRIQKVVNKKLRERFCHRQKEVSEENHNHHNERMLF
HGSPFINAIIHKGFDERHAYIGGMFGAGIYFAENSSKSNQYVYGIGGGTGCPTHKDRSCYICHRQMLFCRVTLGKSFLQF
STMKMAHAPPGHHSVIGRPSVNGLAYAEYVIYRGEQAYPEYLITYQIMKPE
;
_entity_poly.pdbx_strand_id   A,B
#
# COMPACT_ATOMS: atom_id res chain seq x y z
N GLN A 1 1.80 -29.41 23.46
CA GLN A 1 2.74 -28.25 23.48
C GLN A 1 2.42 -27.25 22.35
N GLY A 2 1.68 -27.66 21.32
CA GLY A 2 1.23 -26.81 20.18
C GLY A 2 0.13 -25.83 20.57
N THR A 3 -0.47 -25.13 19.60
CA THR A 3 -1.45 -24.07 19.91
C THR A 3 -2.81 -24.66 20.28
N ILE A 4 -3.39 -24.15 21.36
CA ILE A 4 -4.82 -24.29 21.72
C ILE A 4 -5.48 -22.93 21.56
N LEU A 5 -6.61 -22.88 20.85
CA LEU A 5 -7.41 -21.65 20.67
C LEU A 5 -8.71 -21.81 21.45
N LEU A 6 -8.97 -20.89 22.38
CA LEU A 6 -10.17 -20.94 23.25
C LEU A 6 -11.10 -19.79 22.85
N ASP A 7 -12.29 -20.09 22.36
CA ASP A 7 -13.32 -19.05 22.15
C ASP A 7 -13.69 -18.46 23.52
N LEU A 8 -13.58 -17.13 23.67
CA LEU A 8 -13.98 -16.44 24.92
C LEU A 8 -15.47 -16.08 24.86
N ALA A 9 -16.21 -16.25 25.96
CA ALA A 9 -17.60 -15.79 26.07
C ALA A 9 -17.62 -14.27 26.07
N PRO A 10 -18.56 -13.60 25.35
CA PRO A 10 -18.68 -12.14 25.44
C PRO A 10 -18.88 -11.62 26.88
N GLU A 11 -19.35 -12.48 27.80
CA GLU A 11 -19.58 -12.12 29.23
C GLU A 11 -18.28 -12.22 30.03
N ASP A 12 -17.21 -12.76 29.44
CA ASP A 12 -15.88 -12.95 30.08
C ASP A 12 -15.19 -11.59 30.21
N LYS A 13 -14.60 -11.33 31.38
CA LYS A 13 -13.77 -10.12 31.66
C LYS A 13 -12.70 -9.97 30.57
N GLU A 14 -12.06 -11.06 30.16
CA GLU A 14 -10.96 -11.00 29.17
C GLU A 14 -11.51 -10.53 27.82
N TYR A 15 -12.63 -11.09 27.38
CA TYR A 15 -13.27 -10.68 26.10
C TYR A 15 -13.59 -9.18 26.19
N GLN A 16 -14.24 -8.76 27.28
CA GLN A 16 -14.69 -7.35 27.42
C GLN A 16 -13.48 -6.42 27.44
N SER A 17 -12.41 -6.80 28.14
CA SER A 17 -11.18 -5.97 28.25
CA SER A 17 -11.18 -5.97 28.26
C SER A 17 -10.54 -5.82 26.87
N VAL A 18 -10.38 -6.92 26.16
CA VAL A 18 -9.74 -6.91 24.82
C VAL A 18 -10.62 -6.12 23.85
N GLU A 19 -11.93 -6.36 23.81
CA GLU A 19 -12.79 -5.62 22.87
C GLU A 19 -12.67 -4.11 23.15
N GLU A 20 -12.63 -3.74 24.42
CA GLU A 20 -12.62 -2.30 24.79
C GLU A 20 -11.28 -1.68 24.39
N GLU A 21 -10.17 -2.39 24.56
CA GLU A 21 -8.86 -1.85 24.11
C GLU A 21 -8.92 -1.67 22.59
N MET A 22 -9.51 -2.63 21.89
CA MET A 22 -9.58 -2.59 20.41
C MET A 22 -10.44 -1.39 19.97
N GLN A 23 -11.63 -1.23 20.53
CA GLN A 23 -12.57 -0.15 20.13
C GLN A 23 -12.01 1.23 20.53
N SER A 24 -11.55 1.37 21.77
CA SER A 24 -11.15 2.68 22.35
CA SER A 24 -11.16 2.70 22.33
C SER A 24 -9.92 3.24 21.62
N THR A 25 -9.08 2.38 21.07
CA THR A 25 -7.82 2.83 20.41
C THR A 25 -8.03 3.13 18.92
N ILE A 26 -9.26 3.07 18.39
CA ILE A 26 -9.55 3.49 16.98
C ILE A 26 -9.22 4.98 16.84
N ARG A 27 -8.55 5.34 15.76
CA ARG A 27 -8.22 6.76 15.45
C ARG A 27 -8.62 7.04 14.00
N GLU A 28 -8.75 8.32 13.67
CA GLU A 28 -8.94 8.80 12.27
C GLU A 28 -7.56 8.98 11.67
N HIS A 29 -7.25 8.20 10.64
CA HIS A 29 -5.91 8.14 10.03
C HIS A 29 -5.75 9.23 8.99
N ARG A 30 -4.50 9.65 8.80
CA ARG A 30 -4.11 10.76 7.90
C ARG A 30 -4.50 10.46 6.46
N ASP A 31 -4.70 9.18 6.11
CA ASP A 31 -5.01 8.71 4.73
C ASP A 31 -6.52 8.69 4.47
N GLY A 32 -7.33 9.19 5.42
CA GLY A 32 -8.80 9.24 5.34
C GLY A 32 -9.44 7.88 5.09
N GLY A 33 -8.77 6.81 5.54
CA GLY A 33 -9.31 5.44 5.46
C GLY A 33 -8.96 4.73 4.17
N ASN A 34 -8.03 5.28 3.38
CA ASN A 34 -7.54 4.66 2.13
C ASN A 34 -7.05 3.22 2.37
N ALA A 35 -6.17 3.00 3.35
CA ALA A 35 -5.49 1.71 3.58
C ALA A 35 -6.44 0.70 4.24
N GLY A 36 -7.08 1.08 5.35
CA GLY A 36 -7.80 0.15 6.25
C GLY A 36 -9.30 0.25 6.11
N GLY A 37 -9.80 1.26 5.40
CA GLY A 37 -11.24 1.47 5.22
C GLY A 37 -11.78 2.58 6.10
N ILE A 38 -13.04 2.93 5.89
CA ILE A 38 -13.73 4.04 6.61
C ILE A 38 -14.65 3.42 7.65
N PHE A 39 -14.41 3.73 8.92
CA PHE A 39 -15.18 3.19 10.06
C PHE A 39 -14.80 3.97 11.32
N ASN A 40 -15.68 3.97 12.31
CA ASN A 40 -15.42 4.53 13.67
C ASN A 40 -15.57 3.42 14.72
N ARG A 41 -15.91 2.20 14.30
CA ARG A 41 -16.27 1.11 15.24
C ARG A 41 -16.02 -0.23 14.56
N TYR A 42 -15.68 -1.27 15.35
CA TYR A 42 -15.65 -2.66 14.87
C TYR A 42 -16.90 -3.41 15.34
N ASN A 43 -17.32 -4.37 14.52
CA ASN A 43 -18.25 -5.44 14.94
C ASN A 43 -17.40 -6.66 15.27
N VAL A 44 -17.21 -6.94 16.54
CA VAL A 44 -16.37 -8.10 16.97
C VAL A 44 -17.19 -9.37 16.82
N ILE A 45 -16.67 -10.31 16.05
CA ILE A 45 -17.32 -11.62 15.76
C ILE A 45 -16.96 -12.58 16.87
N ARG A 46 -15.69 -12.61 17.25
CA ARG A 46 -15.24 -13.49 18.36
C ARG A 46 -13.84 -13.08 18.78
N ILE A 47 -13.47 -13.47 19.99
CA ILE A 47 -12.08 -13.32 20.49
C ILE A 47 -11.66 -14.68 20.99
N GLN A 48 -10.52 -15.16 20.50
CA GLN A 48 -9.92 -16.44 20.91
C GLN A 48 -8.64 -16.14 21.69
N LYS A 49 -8.51 -16.80 22.84
CA LYS A 49 -7.23 -16.82 23.60
C LYS A 49 -6.30 -17.83 22.93
N VAL A 50 -5.04 -17.46 22.77
CA VAL A 50 -4.01 -18.31 22.12
C VAL A 50 -3.10 -18.86 23.20
N VAL A 51 -3.09 -20.17 23.37
CA VAL A 51 -2.27 -20.86 24.40
C VAL A 51 -1.29 -21.78 23.69
N ASN A 52 -0.01 -21.46 23.78
CA ASN A 52 1.06 -22.26 23.14
C ASN A 52 2.23 -22.27 24.14
N LYS A 53 2.42 -23.41 24.80
CA LYS A 53 3.42 -23.58 25.88
C LYS A 53 4.82 -23.26 25.34
N LYS A 54 5.18 -23.77 24.17
CA LYS A 54 6.54 -23.57 23.58
C LYS A 54 6.73 -22.09 23.26
N LEU A 55 5.75 -21.45 22.63
CA LEU A 55 5.89 -20.02 22.26
C LEU A 55 6.05 -19.19 23.54
N ARG A 56 5.28 -19.53 24.57
CA ARG A 56 5.26 -18.81 25.87
C ARG A 56 6.63 -18.94 26.53
N GLU A 57 7.18 -20.16 26.59
CA GLU A 57 8.50 -20.40 27.23
C GLU A 57 9.59 -19.58 26.52
N ARG A 58 9.58 -19.55 25.20
CA ARG A 58 10.63 -18.83 24.41
C ARG A 58 10.46 -17.32 24.61
N PHE A 59 9.22 -16.85 24.66
CA PHE A 59 8.90 -15.43 24.92
C PHE A 59 9.46 -15.04 26.28
N CYS A 60 9.20 -15.86 27.30
CA CYS A 60 9.63 -15.59 28.70
C CYS A 60 11.16 -15.60 28.78
N HIS A 61 11.83 -16.57 28.15
CA HIS A 61 13.32 -16.64 28.13
C HIS A 61 13.90 -15.37 27.48
N ARG A 62 13.37 -14.97 26.32
CA ARG A 62 13.85 -13.78 25.58
C ARG A 62 13.60 -12.52 26.44
N GLN A 63 12.48 -12.48 27.15
CA GLN A 63 12.13 -11.27 27.95
C GLN A 63 13.15 -11.12 29.08
N LYS A 64 13.55 -12.22 29.71
CA LYS A 64 14.54 -12.21 30.82
C LYS A 64 15.89 -11.72 30.28
N GLU A 65 16.27 -12.21 29.09
CA GLU A 65 17.48 -11.81 28.34
C GLU A 65 17.46 -10.30 28.07
N VAL A 66 16.36 -9.79 27.51
CA VAL A 66 16.21 -8.34 27.20
C VAL A 66 16.25 -7.53 28.50
N SER A 67 15.54 -7.98 29.54
CA SER A 67 15.50 -7.33 30.87
C SER A 67 16.94 -7.12 31.38
N GLU A 68 17.75 -8.18 31.33
CA GLU A 68 19.15 -8.15 31.83
C GLU A 68 20.00 -7.17 31.00
N GLU A 69 19.70 -7.00 29.71
CA GLU A 69 20.42 -6.09 28.77
C GLU A 69 19.94 -4.64 28.90
N ASN A 70 18.87 -4.39 29.64
CA ASN A 70 18.28 -3.02 29.73
C ASN A 70 17.93 -2.67 31.17
N HIS A 71 18.84 -2.92 32.12
CA HIS A 71 18.70 -2.46 33.53
C HIS A 71 17.39 -2.98 34.12
N ASN A 72 17.01 -4.22 33.79
CA ASN A 72 15.84 -4.95 34.35
C ASN A 72 14.55 -4.30 33.82
N HIS A 73 14.61 -3.61 32.68
CA HIS A 73 13.41 -2.98 32.06
C HIS A 73 13.09 -3.67 30.73
N HIS A 74 12.26 -4.71 30.79
CA HIS A 74 11.85 -5.42 29.55
C HIS A 74 10.81 -4.60 28.79
N ASN A 75 10.10 -3.68 29.46
CA ASN A 75 9.12 -2.76 28.83
C ASN A 75 8.10 -3.56 28.01
N GLU A 76 7.44 -4.51 28.65
CA GLU A 76 6.36 -5.28 28.01
C GLU A 76 5.15 -4.37 27.79
N ARG A 77 4.58 -4.41 26.58
CA ARG A 77 3.36 -3.68 26.21
C ARG A 77 2.40 -4.64 25.52
N MET A 78 1.11 -4.39 25.66
CA MET A 78 0.06 -5.09 24.88
C MET A 78 -0.20 -4.24 23.64
N LEU A 79 0.05 -4.81 22.46
CA LEU A 79 0.01 -4.06 21.18
C LEU A 79 -0.74 -4.90 20.14
N PHE A 80 -1.36 -4.22 19.20
CA PHE A 80 -2.09 -4.83 18.06
C PHE A 80 -1.09 -5.20 16.96
N HIS A 81 -1.43 -6.22 16.17
CA HIS A 81 -0.68 -6.69 14.99
C HIS A 81 -1.68 -7.10 13.91
N GLY A 82 -1.47 -6.60 12.69
CA GLY A 82 -2.20 -7.02 11.49
C GLY A 82 -1.27 -7.55 10.43
N SER A 83 -1.63 -8.67 9.80
CA SER A 83 -0.75 -9.37 8.85
C SER A 83 -1.57 -10.35 8.04
N PRO A 84 -1.31 -10.50 6.72
CA PRO A 84 -1.89 -11.62 5.96
C PRO A 84 -1.45 -13.00 6.46
N PHE A 85 -0.43 -13.10 7.32
CA PHE A 85 0.13 -14.38 7.84
C PHE A 85 -0.28 -14.63 9.30
N ILE A 86 -1.36 -14.00 9.76
CA ILE A 86 -1.92 -14.15 11.13
C ILE A 86 -2.17 -15.63 11.43
N ASN A 87 -2.73 -16.37 10.46
CA ASN A 87 -3.07 -17.81 10.67
C ASN A 87 -1.80 -18.59 10.99
N ALA A 88 -0.68 -18.32 10.30
CA ALA A 88 0.61 -18.98 10.60
C ALA A 88 1.14 -18.53 11.98
N ILE A 89 0.99 -17.26 12.34
CA ILE A 89 1.59 -16.72 13.58
C ILE A 89 0.98 -17.42 14.80
N ILE A 90 -0.33 -17.65 14.82
CA ILE A 90 -1.00 -18.19 16.04
C ILE A 90 -0.57 -19.64 16.24
N HIS A 91 -0.12 -20.31 15.18
CA HIS A 91 0.23 -21.75 15.20
C HIS A 91 1.74 -21.92 15.36
N LYS A 92 2.56 -21.04 14.78
CA LYS A 92 4.02 -21.24 14.72
C LYS A 92 4.80 -20.05 15.29
N GLY A 93 4.13 -18.98 15.71
CA GLY A 93 4.77 -17.79 16.30
C GLY A 93 5.26 -16.82 15.25
N PHE A 94 5.83 -15.71 15.70
CA PHE A 94 6.31 -14.63 14.79
C PHE A 94 7.59 -15.14 14.14
N ASP A 95 7.48 -15.68 12.92
CA ASP A 95 8.63 -16.19 12.11
C ASP A 95 9.21 -15.02 11.32
N GLU A 96 10.48 -14.69 11.56
CA GLU A 96 11.20 -13.56 10.91
C GLU A 96 11.04 -13.65 9.39
N ARG A 97 10.84 -14.86 8.85
CA ARG A 97 10.24 -15.07 7.50
C ARG A 97 8.74 -14.77 7.55
N HIS A 98 8.30 -13.76 6.80
CA HIS A 98 6.86 -13.47 6.51
CA HIS A 98 6.86 -13.48 6.50
C HIS A 98 6.20 -12.66 7.63
N ALA A 99 6.70 -12.74 8.88
CA ALA A 99 6.26 -11.82 9.96
C ALA A 99 6.91 -10.45 9.73
N TYR A 100 8.12 -10.43 9.15
CA TYR A 100 8.87 -9.22 8.74
C TYR A 100 8.17 -8.53 7.56
N ILE A 101 8.07 -7.20 7.61
CA ILE A 101 7.64 -6.34 6.46
C ILE A 101 8.65 -5.19 6.37
N GLY A 102 8.53 -4.36 5.33
CA GLY A 102 9.21 -3.04 5.27
C GLY A 102 8.32 -1.93 5.79
N GLY A 103 8.90 -0.76 6.06
CA GLY A 103 8.16 0.46 6.45
C GLY A 103 9.11 1.63 6.61
N MET A 104 8.59 2.77 7.08
CA MET A 104 9.42 4.00 7.28
C MET A 104 10.52 3.69 8.30
N PHE A 105 10.32 2.70 9.16
CA PHE A 105 11.23 2.39 10.30
C PHE A 105 12.02 1.11 10.03
N GLY A 106 12.15 0.73 8.75
CA GLY A 106 13.02 -0.37 8.30
C GLY A 106 12.30 -1.71 8.35
N ALA A 107 13.02 -2.78 8.02
CA ALA A 107 12.53 -4.16 8.02
C ALA A 107 12.35 -4.64 9.47
N GLY A 108 11.25 -5.33 9.75
CA GLY A 108 11.00 -5.84 11.11
C GLY A 108 9.57 -6.27 11.27
N ILE A 109 9.18 -6.57 12.51
CA ILE A 109 7.78 -6.98 12.81
C ILE A 109 7.08 -5.78 13.43
N TYR A 110 6.00 -5.33 12.79
CA TYR A 110 5.29 -4.06 13.11
C TYR A 110 4.10 -4.33 14.02
N PHE A 111 3.99 -3.52 15.08
CA PHE A 111 2.87 -3.51 16.05
C PHE A 111 2.41 -2.07 16.20
N ALA A 112 1.20 -1.89 16.73
CA ALA A 112 0.62 -0.56 16.97
C ALA A 112 -0.12 -0.53 18.31
N GLU A 113 -0.13 0.63 18.98
CA GLU A 113 -0.94 0.83 20.20
C GLU A 113 -2.38 1.18 19.79
N ASN A 114 -2.59 1.57 18.53
CA ASN A 114 -3.93 1.87 17.98
C ASN A 114 -4.39 0.73 17.09
N SER A 115 -5.48 0.05 17.44
CA SER A 115 -6.01 -1.10 16.66
C SER A 115 -6.21 -0.70 15.19
N SER A 116 -6.66 0.53 14.94
CA SER A 116 -6.97 1.02 13.58
C SER A 116 -5.68 1.15 12.75
N LYS A 117 -4.53 1.36 13.36
CA LYS A 117 -3.24 1.33 12.64
C LYS A 117 -2.95 -0.11 12.20
N SER A 118 -3.10 -1.08 13.08
CA SER A 118 -2.88 -2.50 12.73
C SER A 118 -3.87 -2.93 11.64
N ASN A 119 -5.08 -2.38 11.64
CA ASN A 119 -6.13 -2.70 10.65
C ASN A 119 -5.62 -2.34 9.25
N GLN A 120 -4.76 -1.33 9.12
CA GLN A 120 -4.18 -0.90 7.80
C GLN A 120 -3.21 -1.95 7.24
N TYR A 121 -2.77 -2.93 8.04
CA TYR A 121 -1.79 -3.96 7.61
C TYR A 121 -2.44 -5.33 7.40
N VAL A 122 -3.70 -5.51 7.75
CA VAL A 122 -4.40 -6.84 7.73
C VAL A 122 -4.32 -7.48 6.34
N TYR A 123 -4.54 -6.68 5.29
CA TYR A 123 -4.54 -7.18 3.89
C TYR A 123 -3.22 -6.85 3.18
N GLY A 124 -2.19 -6.42 3.91
CA GLY A 124 -0.86 -6.11 3.36
C GLY A 124 -0.50 -4.64 3.55
N ILE A 125 0.67 -4.26 3.05
CA ILE A 125 1.19 -2.85 3.10
C ILE A 125 0.15 -1.93 2.46
N GLY A 126 -0.22 -0.86 3.17
CA GLY A 126 -1.23 0.12 2.73
C GLY A 126 -2.53 -0.56 2.37
N GLY A 127 -2.84 -1.71 3.00
CA GLY A 127 -4.08 -2.47 2.76
C GLY A 127 -3.96 -3.42 1.58
N GLY A 128 -2.78 -3.50 0.94
CA GLY A 128 -2.54 -4.37 -0.23
C GLY A 128 -3.63 -4.23 -1.28
N THR A 129 -4.23 -5.34 -1.70
CA THR A 129 -5.34 -5.37 -2.68
C THR A 129 -6.69 -5.48 -1.97
N GLY A 130 -6.71 -5.26 -0.64
CA GLY A 130 -7.94 -5.35 0.16
C GLY A 130 -8.34 -6.81 0.36
N CYS A 131 -9.61 -7.05 0.66
CA CYS A 131 -10.09 -8.41 1.04
C CYS A 131 -9.86 -9.37 -0.12
N PRO A 132 -9.48 -10.64 0.15
CA PRO A 132 -9.33 -11.64 -0.90
C PRO A 132 -10.53 -11.74 -1.85
N THR A 133 -11.76 -11.64 -1.34
CA THR A 133 -13.01 -11.95 -2.10
C THR A 133 -13.37 -10.78 -3.03
N HIS A 134 -13.43 -9.56 -2.49
CA HIS A 134 -13.96 -8.37 -3.20
C HIS A 134 -12.83 -7.42 -3.62
N LYS A 135 -11.58 -7.72 -3.29
CA LYS A 135 -10.40 -6.86 -3.59
C LYS A 135 -10.69 -5.43 -3.11
N ASP A 136 -11.29 -5.31 -1.92
CA ASP A 136 -11.84 -4.05 -1.35
C ASP A 136 -11.18 -3.76 0.00
N ARG A 137 -10.34 -2.72 0.07
CA ARG A 137 -9.65 -2.32 1.33
C ARG A 137 -10.66 -1.85 2.38
N SER A 138 -11.85 -1.40 1.99
CA SER A 138 -12.93 -0.94 2.91
C SER A 138 -14.09 -1.94 2.99
N CYS A 139 -13.87 -3.22 2.72
CA CYS A 139 -14.93 -4.25 2.76
C CYS A 139 -15.59 -4.24 4.15
N TYR A 140 -16.92 -4.13 4.15
CA TYR A 140 -17.78 -4.20 5.36
C TYR A 140 -18.38 -5.59 5.53
N ILE A 141 -18.08 -6.52 4.62
CA ILE A 141 -18.66 -7.89 4.57
C ILE A 141 -17.68 -8.90 5.18
N CYS A 142 -16.48 -8.97 4.61
CA CYS A 142 -15.47 -10.01 4.91
C CYS A 142 -15.04 -9.85 6.37
N HIS A 143 -14.93 -10.97 7.08
CA HIS A 143 -14.35 -11.03 8.43
C HIS A 143 -12.85 -10.80 8.32
N ARG A 144 -12.35 -9.86 9.11
CA ARG A 144 -10.91 -9.61 9.27
C ARG A 144 -10.45 -10.27 10.56
N GLN A 145 -9.15 -10.51 10.66
CA GLN A 145 -8.54 -10.95 11.93
C GLN A 145 -7.34 -10.03 12.24
N MET A 146 -7.20 -9.68 13.52
CA MET A 146 -5.98 -9.04 14.04
C MET A 146 -5.59 -9.70 15.36
N LEU A 147 -4.35 -9.47 15.79
CA LEU A 147 -3.85 -10.03 17.06
C LEU A 147 -3.70 -8.89 18.08
N PHE A 148 -3.88 -9.24 19.34
CA PHE A 148 -3.51 -8.39 20.49
C PHE A 148 -2.43 -9.16 21.25
N CYS A 149 -1.22 -8.61 21.27
CA CYS A 149 0.03 -9.33 21.56
C CYS A 149 0.74 -8.74 22.76
N ARG A 150 1.38 -9.61 23.54
CA ARG A 150 2.39 -9.23 24.55
C ARG A 150 3.70 -8.98 23.81
N VAL A 151 4.29 -7.78 23.93
CA VAL A 151 5.50 -7.40 23.14
C VAL A 151 6.55 -6.89 24.11
N THR A 152 7.73 -7.50 24.05
CA THR A 152 8.93 -7.11 24.81
C THR A 152 9.65 -6.02 24.02
N LEU A 153 9.68 -4.78 24.50
CA LEU A 153 10.28 -3.65 23.74
C LEU A 153 11.74 -3.42 24.15
N GLY A 154 12.10 -3.83 25.36
CA GLY A 154 13.41 -3.54 25.98
C GLY A 154 13.75 -2.07 25.81
N LYS A 155 14.94 -1.76 25.32
CA LYS A 155 15.40 -0.37 25.07
C LYS A 155 14.94 0.03 23.67
N SER A 156 14.06 1.02 23.59
CA SER A 156 13.50 1.53 22.32
C SER A 156 14.33 2.70 21.78
N PHE A 157 14.56 2.71 20.48
CA PHE A 157 14.97 3.90 19.72
C PHE A 157 13.71 4.68 19.32
N LEU A 158 13.61 5.94 19.75
CA LEU A 158 12.46 6.81 19.38
C LEU A 158 12.77 7.50 18.06
N GLN A 159 12.00 7.20 17.02
CA GLN A 159 12.12 7.85 15.68
C GLN A 159 10.94 8.81 15.50
N PHE A 160 11.21 10.09 15.26
CA PHE A 160 10.16 11.12 15.09
C PHE A 160 10.14 11.72 13.69
N SER A 161 11.28 11.81 12.99
CA SER A 161 11.36 12.41 11.63
C SER A 161 10.74 11.45 10.61
N THR A 162 10.25 11.99 9.48
CA THR A 162 9.82 11.20 8.29
C THR A 162 11.05 10.90 7.44
N MET A 163 11.96 10.08 7.98
CA MET A 163 13.21 9.63 7.33
C MET A 163 13.14 8.10 7.17
N LYS A 164 13.52 7.60 5.99
CA LYS A 164 13.64 6.14 5.73
C LYS A 164 14.91 5.65 6.43
N MET A 165 14.77 4.71 7.36
CA MET A 165 15.91 4.04 8.05
C MET A 165 15.85 2.54 7.76
N ALA A 166 16.97 1.85 7.93
CA ALA A 166 17.13 0.41 7.63
C ALA A 166 16.88 -0.40 8.91
N HIS A 167 17.39 0.08 10.05
CA HIS A 167 17.44 -0.64 11.35
C HIS A 167 17.77 0.34 12.48
N ALA A 168 17.31 0.07 13.70
CA ALA A 168 17.63 0.85 14.92
C ALA A 168 19.14 0.88 15.13
N PRO A 169 19.70 1.96 15.73
CA PRO A 169 21.08 1.95 16.18
C PRO A 169 21.38 0.77 17.11
N PRO A 170 22.68 0.42 17.31
CA PRO A 170 23.05 -0.67 18.22
C PRO A 170 22.57 -0.48 19.67
N GLY A 171 22.32 -1.59 20.37
CA GLY A 171 21.95 -1.62 21.80
C GLY A 171 20.47 -1.41 22.03
N HIS A 172 19.69 -1.26 20.96
CA HIS A 172 18.21 -1.07 20.99
C HIS A 172 17.53 -2.38 20.60
N HIS A 173 16.44 -2.74 21.29
CA HIS A 173 15.66 -3.98 21.07
C HIS A 173 14.41 -3.70 20.22
N SER A 174 14.09 -2.43 19.97
CA SER A 174 12.86 -2.00 19.25
C SER A 174 13.00 -0.58 18.76
N VAL A 175 12.18 -0.21 17.77
CA VAL A 175 11.95 1.19 17.34
C VAL A 175 10.52 1.59 17.71
N ILE A 176 10.35 2.78 18.28
CA ILE A 176 9.00 3.40 18.38
C ILE A 176 8.99 4.57 17.41
N GLY A 177 8.25 4.40 16.30
CA GLY A 177 8.21 5.36 15.19
C GLY A 177 6.96 6.21 15.26
N ARG A 178 7.11 7.53 15.16
CA ARG A 178 6.03 8.54 15.22
C ARG A 178 6.35 9.63 14.20
N PRO A 179 5.95 9.45 12.91
CA PRO A 179 6.09 10.48 11.90
C PRO A 179 4.85 11.39 11.86
N LEU A 184 -2.54 11.94 12.56
CA LEU A 184 -1.47 12.54 13.39
C LEU A 184 -0.43 11.47 13.74
N ALA A 185 0.42 11.74 14.75
CA ALA A 185 1.55 10.87 15.18
C ALA A 185 1.03 9.68 15.98
N TYR A 186 0.58 8.62 15.30
CA TYR A 186 0.26 7.33 15.97
C TYR A 186 1.51 6.46 15.94
N ALA A 187 1.84 5.88 17.09
CA ALA A 187 3.12 5.18 17.35
C ALA A 187 3.06 3.79 16.72
N GLU A 188 4.10 3.46 15.97
CA GLU A 188 4.32 2.07 15.49
C GLU A 188 5.53 1.51 16.24
N TYR A 189 5.45 0.24 16.62
CA TYR A 189 6.46 -0.46 17.45
C TYR A 189 7.06 -1.53 16.56
N VAL A 190 8.36 -1.46 16.32
CA VAL A 190 9.07 -2.45 15.47
C VAL A 190 10.00 -3.26 16.35
N ILE A 191 9.88 -4.58 16.30
CA ILE A 191 10.86 -5.52 16.92
C ILE A 191 11.53 -6.34 15.79
N TYR A 192 12.64 -6.97 16.13
CA TYR A 192 13.51 -7.66 15.15
C TYR A 192 13.61 -9.16 15.46
N ARG A 193 13.20 -9.59 16.64
CA ARG A 193 13.21 -11.02 17.04
C ARG A 193 11.76 -11.47 17.30
N GLY A 194 11.32 -12.54 16.65
CA GLY A 194 9.96 -13.09 16.79
C GLY A 194 9.62 -13.43 18.23
N GLU A 195 10.63 -13.82 19.03
CA GLU A 195 10.44 -14.23 20.45
C GLU A 195 10.20 -13.01 21.34
N GLN A 196 10.24 -11.80 20.80
CA GLN A 196 9.85 -10.59 21.55
C GLN A 196 8.34 -10.33 21.47
N ALA A 197 7.56 -11.22 20.86
CA ALA A 197 6.09 -11.03 20.82
C ALA A 197 5.41 -12.38 21.02
N TYR A 198 4.35 -12.37 21.81
CA TYR A 198 3.47 -13.53 22.02
C TYR A 198 2.06 -13.15 21.57
N PRO A 199 1.47 -13.93 20.65
CA PRO A 199 0.12 -13.63 20.13
C PRO A 199 -0.99 -14.06 21.11
N GLU A 200 -1.32 -13.22 22.08
CA GLU A 200 -2.22 -13.57 23.22
C GLU A 200 -3.66 -13.76 22.74
N TYR A 201 -4.15 -12.89 21.86
CA TYR A 201 -5.57 -12.89 21.46
C TYR A 201 -5.70 -12.78 19.95
N LEU A 202 -6.59 -13.59 19.38
CA LEU A 202 -6.97 -13.54 17.95
C LEU A 202 -8.36 -12.92 17.93
N ILE A 203 -8.47 -11.74 17.32
CA ILE A 203 -9.76 -11.02 17.22
C ILE A 203 -10.29 -11.17 15.79
N THR A 204 -11.50 -11.71 15.64
CA THR A 204 -12.25 -11.77 14.35
C THR A 204 -13.29 -10.66 14.36
N TYR A 205 -13.34 -9.84 13.32
CA TYR A 205 -14.14 -8.61 13.33
C TYR A 205 -14.51 -8.18 11.90
N GLN A 206 -15.49 -7.31 11.82
CA GLN A 206 -15.79 -6.47 10.63
C GLN A 206 -15.56 -5.01 11.00
N ILE A 207 -15.08 -4.21 10.06
CA ILE A 207 -15.19 -2.74 10.20
C ILE A 207 -16.66 -2.41 9.93
N MET A 208 -17.21 -1.43 10.63
CA MET A 208 -18.63 -1.01 10.48
C MET A 208 -18.69 0.29 9.65
N LYS A 209 -19.60 0.33 8.68
CA LYS A 209 -19.87 1.55 7.88
C LYS A 209 -20.55 2.56 8.80
N PRO A 210 -20.04 3.80 8.92
CA PRO A 210 -20.66 4.80 9.80
C PRO A 210 -22.05 5.25 9.33
N GLN B 1 8.32 -1.86 -38.17
CA GLN B 1 6.90 -1.82 -37.70
C GLN B 1 6.82 -1.92 -36.17
N GLY B 2 7.81 -2.55 -35.52
CA GLY B 2 7.91 -2.72 -34.06
C GLY B 2 8.29 -1.43 -33.35
N THR B 3 8.67 -1.49 -32.08
CA THR B 3 8.95 -0.25 -31.30
C THR B 3 10.31 0.33 -31.65
N ILE B 4 10.35 1.63 -31.87
CA ILE B 4 11.56 2.47 -31.93
C ILE B 4 11.55 3.37 -30.70
N LEU B 5 12.64 3.39 -29.95
CA LEU B 5 12.80 4.26 -28.76
C LEU B 5 13.82 5.35 -29.11
N LEU B 6 13.41 6.61 -28.97
CA LEU B 6 14.27 7.77 -29.31
C LEU B 6 14.61 8.50 -28.03
N ASP B 7 15.89 8.54 -27.66
CA ASP B 7 16.33 9.40 -26.53
C ASP B 7 16.05 10.86 -26.92
N LEU B 8 15.32 11.59 -26.10
CA LEU B 8 15.08 13.05 -26.30
C LEU B 8 16.22 13.84 -25.67
N ALA B 9 16.68 14.87 -26.36
CA ALA B 9 17.68 15.83 -25.83
C ALA B 9 17.02 16.64 -24.71
N PRO B 10 17.69 16.88 -23.56
CA PRO B 10 17.15 17.78 -22.55
C PRO B 10 16.77 19.17 -23.10
N GLU B 11 17.34 19.59 -24.24
CA GLU B 11 17.06 20.90 -24.88
C GLU B 11 15.76 20.85 -25.71
N ASP B 12 15.18 19.65 -25.89
CA ASP B 12 13.98 19.40 -26.74
C ASP B 12 12.75 19.90 -25.98
N LYS B 13 11.86 20.61 -26.68
CA LYS B 13 10.54 21.07 -26.14
C LYS B 13 9.79 19.88 -25.54
N GLU B 14 9.80 18.73 -26.20
CA GLU B 14 9.06 17.54 -25.71
C GLU B 14 9.65 17.07 -24.38
N TYR B 15 10.97 16.96 -24.28
CA TYR B 15 11.64 16.56 -23.02
C TYR B 15 11.21 17.54 -21.92
N GLN B 16 11.34 18.84 -22.19
CA GLN B 16 11.07 19.87 -21.17
C GLN B 16 9.60 19.82 -20.74
N SER B 17 8.69 19.66 -21.68
CA SER B 17 7.23 19.61 -21.41
CA SER B 17 7.23 19.62 -21.40
C SER B 17 6.92 18.40 -20.54
N VAL B 18 7.44 17.23 -20.93
CA VAL B 18 7.18 15.98 -20.18
C VAL B 18 7.80 16.07 -18.77
N GLU B 19 9.05 16.51 -18.64
CA GLU B 19 9.67 16.61 -17.28
C GLU B 19 8.82 17.55 -16.42
N GLU B 20 8.37 18.66 -16.99
CA GLU B 20 7.62 19.67 -16.19
C GLU B 20 6.28 19.09 -15.75
N GLU B 21 5.58 18.36 -16.61
CA GLU B 21 4.30 17.73 -16.19
C GLU B 21 4.61 16.74 -15.07
N MET B 22 5.70 16.00 -15.17
CA MET B 22 6.06 14.98 -14.17
C MET B 22 6.37 15.66 -12.83
N GLN B 23 7.22 16.71 -12.84
CA GLN B 23 7.65 17.38 -11.59
C GLN B 23 6.46 18.14 -10.96
N SER B 24 5.73 18.91 -11.76
CA SER B 24 4.67 19.83 -11.25
CA SER B 24 4.67 19.82 -11.25
C SER B 24 3.51 19.03 -10.63
N THR B 25 3.28 17.79 -11.10
CA THR B 25 2.13 17.00 -10.63
C THR B 25 2.48 16.16 -9.41
N ILE B 26 3.69 16.28 -8.84
CA ILE B 26 4.04 15.61 -7.54
C ILE B 26 3.10 16.13 -6.45
N ARG B 27 2.56 15.22 -5.64
CA ARG B 27 1.67 15.56 -4.51
C ARG B 27 2.16 14.82 -3.26
N GLU B 28 1.73 15.31 -2.09
CA GLU B 28 1.93 14.63 -0.79
C GLU B 28 0.78 13.65 -0.62
N HIS B 29 1.11 12.38 -0.55
CA HIS B 29 0.16 11.27 -0.35
C HIS B 29 0.14 11.04 1.16
N ARG B 30 -0.97 10.67 1.76
CA ARG B 30 -1.00 10.73 3.25
C ARG B 30 -0.70 9.34 3.80
N ASP B 31 0.21 8.61 3.13
CA ASP B 31 0.77 7.32 3.59
C ASP B 31 2.20 7.53 4.13
N GLY B 32 2.63 8.77 4.30
CA GLY B 32 3.97 9.11 4.84
C GLY B 32 5.10 8.64 3.93
N GLY B 33 4.80 8.41 2.64
CA GLY B 33 5.78 7.98 1.62
C GLY B 33 5.99 6.48 1.65
N ASN B 34 5.10 5.72 2.31
CA ASN B 34 5.32 4.26 2.49
C ASN B 34 5.29 3.57 1.12
N ALA B 35 4.34 3.89 0.22
CA ALA B 35 4.19 3.20 -1.07
C ALA B 35 5.28 3.62 -2.07
N GLY B 36 5.46 4.93 -2.26
CA GLY B 36 6.28 5.48 -3.36
C GLY B 36 7.61 6.03 -2.91
N GLY B 37 7.78 6.21 -1.60
CA GLY B 37 9.01 6.79 -1.04
C GLY B 37 8.81 8.23 -0.61
N ILE B 38 9.82 8.78 0.07
CA ILE B 38 9.84 10.17 0.58
C ILE B 38 10.71 11.00 -0.38
N PHE B 39 10.11 12.01 -1.01
CA PHE B 39 10.77 12.87 -2.01
C PHE B 39 9.81 14.03 -2.31
N ASN B 40 10.34 15.14 -2.82
CA ASN B 40 9.53 16.28 -3.34
C ASN B 40 9.93 16.59 -4.78
N ARG B 41 10.87 15.83 -5.34
CA ARG B 41 11.42 16.08 -6.68
C ARG B 41 11.96 14.80 -7.29
N TYR B 42 11.90 14.68 -8.62
CA TYR B 42 12.59 13.59 -9.34
C TYR B 42 13.90 14.11 -9.93
N ASN B 43 14.86 13.19 -10.02
CA ASN B 43 16.04 13.36 -10.88
C ASN B 43 15.75 12.58 -12.17
N VAL B 44 15.43 13.30 -13.25
CA VAL B 44 15.13 12.63 -14.55
C VAL B 44 16.45 12.24 -15.17
N ILE B 45 16.61 10.94 -15.46
CA ILE B 45 17.82 10.36 -16.08
C ILE B 45 17.70 10.54 -17.59
N ARG B 46 16.53 10.20 -18.13
CA ARG B 46 16.29 10.38 -19.59
C ARG B 46 14.81 10.24 -19.88
N ILE B 47 14.41 10.75 -21.04
CA ILE B 47 13.04 10.58 -21.55
C ILE B 47 13.16 10.04 -22.96
N GLN B 48 12.48 8.94 -23.25
CA GLN B 48 12.48 8.29 -24.57
C GLN B 48 11.08 8.40 -25.16
N LYS B 49 11.02 8.82 -26.41
CA LYS B 49 9.78 8.81 -27.20
C LYS B 49 9.59 7.37 -27.69
N VAL B 50 8.37 6.87 -27.59
CA VAL B 50 8.03 5.48 -28.02
C VAL B 50 7.27 5.58 -29.33
N VAL B 51 7.84 5.04 -30.40
CA VAL B 51 7.21 5.06 -31.76
C VAL B 51 6.95 3.61 -32.16
N ASN B 52 5.67 3.26 -32.29
CA ASN B 52 5.28 1.90 -32.72
C ASN B 52 4.07 2.08 -33.63
N LYS B 53 4.26 1.85 -34.93
CA LYS B 53 3.24 2.14 -35.96
C LYS B 53 1.98 1.29 -35.68
N LYS B 54 2.16 0.00 -35.37
CA LYS B 54 1.01 -0.92 -35.12
C LYS B 54 0.26 -0.45 -33.87
N LEU B 55 0.96 -0.13 -32.78
CA LEU B 55 0.29 0.31 -31.53
C LEU B 55 -0.50 1.59 -31.80
N ARG B 56 0.10 2.50 -32.56
CA ARG B 56 -0.48 3.82 -32.88
C ARG B 56 -1.75 3.61 -33.70
N GLU B 57 -1.70 2.76 -34.73
CA GLU B 57 -2.87 2.50 -35.61
C GLU B 57 -4.03 1.94 -34.79
N ARG B 58 -3.75 1.00 -33.88
CA ARG B 58 -4.80 0.34 -33.07
C ARG B 58 -5.40 1.36 -32.09
N PHE B 59 -4.54 2.19 -31.49
CA PHE B 59 -4.97 3.28 -30.58
C PHE B 59 -5.91 4.21 -31.34
N CYS B 60 -5.53 4.63 -32.53
CA CYS B 60 -6.30 5.58 -33.37
C CYS B 60 -7.65 4.94 -33.76
N HIS B 61 -7.66 3.68 -34.16
CA HIS B 61 -8.92 2.98 -34.54
C HIS B 61 -9.85 2.92 -33.32
N ARG B 62 -9.33 2.52 -32.16
CA ARG B 62 -10.14 2.40 -30.92
C ARG B 62 -10.66 3.80 -30.54
N GLN B 63 -9.86 4.84 -30.74
CA GLN B 63 -10.28 6.19 -30.31
C GLN B 63 -11.47 6.64 -31.17
N LYS B 64 -11.44 6.33 -32.46
CA LYS B 64 -12.54 6.70 -33.40
C LYS B 64 -13.81 5.94 -33.01
N GLU B 65 -13.66 4.66 -32.66
CA GLU B 65 -14.75 3.78 -32.14
C GLU B 65 -15.39 4.40 -30.89
N VAL B 66 -14.56 4.76 -29.91
CA VAL B 66 -15.01 5.36 -28.63
C VAL B 66 -15.69 6.70 -28.92
N SER B 67 -15.09 7.53 -29.76
CA SER B 67 -15.63 8.85 -30.16
C SER B 67 -17.06 8.67 -30.68
N GLU B 68 -17.27 7.71 -31.59
CA GLU B 68 -18.58 7.43 -32.23
C GLU B 68 -19.61 6.98 -31.18
N GLU B 69 -19.17 6.29 -30.13
CA GLU B 69 -20.04 5.77 -29.04
C GLU B 69 -20.33 6.84 -27.99
N ASN B 70 -19.64 7.99 -28.03
CA ASN B 70 -19.78 9.03 -26.98
C ASN B 70 -19.93 10.42 -27.60
N HIS B 71 -20.81 10.56 -28.61
CA HIS B 71 -21.17 11.87 -29.19
C HIS B 71 -19.92 12.63 -29.64
N ASN B 72 -18.94 11.91 -30.21
CA ASN B 72 -17.72 12.48 -30.83
C ASN B 72 -16.80 13.02 -29.72
N HIS B 73 -16.93 12.52 -28.49
CA HIS B 73 -16.06 12.93 -27.36
C HIS B 73 -15.19 11.76 -26.94
N HIS B 74 -14.01 11.64 -27.51
CA HIS B 74 -13.07 10.56 -27.11
C HIS B 74 -12.38 10.92 -25.79
N ASN B 75 -12.33 12.19 -25.39
CA ASN B 75 -11.77 12.66 -24.10
C ASN B 75 -10.34 12.12 -23.91
N GLU B 76 -9.48 12.38 -24.88
CA GLU B 76 -8.05 11.97 -24.76
C GLU B 76 -7.37 12.82 -23.68
N ARG B 77 -6.63 12.18 -22.79
CA ARG B 77 -5.82 12.85 -21.74
C ARG B 77 -4.40 12.27 -21.74
N MET B 78 -3.43 13.10 -21.39
CA MET B 78 -2.05 12.61 -21.13
C MET B 78 -1.95 12.26 -19.64
N LEU B 79 -1.68 10.98 -19.33
CA LEU B 79 -1.71 10.49 -17.95
C LEU B 79 -0.48 9.61 -17.69
N PHE B 80 -0.05 9.57 -16.43
CA PHE B 80 1.08 8.75 -15.96
C PHE B 80 0.61 7.32 -15.73
N HIS B 81 1.53 6.37 -15.89
CA HIS B 81 1.32 4.93 -15.61
C HIS B 81 2.60 4.40 -14.97
N GLY B 82 2.44 3.71 -13.84
CA GLY B 82 3.52 2.98 -13.17
C GLY B 82 3.15 1.52 -13.01
N SER B 83 4.05 0.62 -13.37
CA SER B 83 3.83 -0.83 -13.16
C SER B 83 5.14 -1.57 -13.35
N PRO B 84 5.29 -2.75 -12.72
CA PRO B 84 6.44 -3.62 -13.00
C PRO B 84 6.51 -4.12 -14.46
N PHE B 85 5.50 -3.84 -15.29
CA PHE B 85 5.36 -4.40 -16.67
C PHE B 85 5.74 -3.37 -17.74
N ILE B 86 6.38 -2.26 -17.37
CA ILE B 86 6.61 -1.14 -18.32
C ILE B 86 7.45 -1.63 -19.51
N ASN B 87 8.44 -2.47 -19.26
CA ASN B 87 9.36 -2.96 -20.34
C ASN B 87 8.54 -3.70 -21.40
N ALA B 88 7.56 -4.52 -20.99
CA ALA B 88 6.67 -5.23 -21.93
C ALA B 88 5.75 -4.25 -22.65
N ILE B 89 5.24 -3.24 -21.94
CA ILE B 89 4.22 -2.33 -22.53
C ILE B 89 4.83 -1.55 -23.70
N ILE B 90 6.07 -1.07 -23.58
CA ILE B 90 6.65 -0.17 -24.61
C ILE B 90 6.93 -0.98 -25.87
N HIS B 91 7.07 -2.31 -25.75
CA HIS B 91 7.41 -3.18 -26.89
C HIS B 91 6.16 -3.83 -27.46
N LYS B 92 5.15 -4.14 -26.63
CA LYS B 92 4.00 -4.97 -27.07
C LYS B 92 2.66 -4.29 -26.78
N GLY B 93 2.65 -3.11 -26.14
CA GLY B 93 1.42 -2.37 -25.82
C GLY B 93 0.78 -2.83 -24.53
N PHE B 94 -0.26 -2.12 -24.07
CA PHE B 94 -0.99 -2.44 -22.82
C PHE B 94 -1.85 -3.67 -23.08
N ASP B 95 -1.80 -4.65 -22.20
CA ASP B 95 -2.56 -5.93 -22.33
CA ASP B 95 -2.58 -5.91 -22.35
C ASP B 95 -3.51 -6.03 -21.14
N GLU B 96 -4.82 -6.15 -21.41
CA GLU B 96 -5.87 -6.22 -20.37
C GLU B 96 -5.55 -7.39 -19.42
N ARG B 97 -4.89 -8.42 -19.96
CA ARG B 97 -4.75 -9.75 -19.33
C ARG B 97 -3.61 -9.74 -18.30
N HIS B 98 -2.69 -8.76 -18.37
CA HIS B 98 -1.49 -8.67 -17.50
C HIS B 98 -1.40 -7.29 -16.83
N ALA B 99 -1.87 -6.23 -17.47
CA ALA B 99 -1.71 -4.82 -17.04
C ALA B 99 -2.85 -4.43 -16.08
N TYR B 100 -3.88 -5.29 -15.94
CA TYR B 100 -5.01 -5.14 -14.97
C TYR B 100 -4.50 -5.30 -13.53
N ILE B 101 -4.98 -4.44 -12.63
CA ILE B 101 -4.81 -4.58 -11.15
C ILE B 101 -6.19 -4.34 -10.51
N GLY B 102 -6.30 -4.57 -9.20
CA GLY B 102 -7.46 -4.20 -8.36
C GLY B 102 -7.23 -2.84 -7.69
N GLY B 103 -8.27 -2.24 -7.13
CA GLY B 103 -8.13 -0.94 -6.44
C GLY B 103 -9.46 -0.40 -5.94
N MET B 104 -9.41 0.78 -5.32
CA MET B 104 -10.60 1.53 -4.82
C MET B 104 -11.62 1.67 -5.95
N PHE B 105 -11.15 1.75 -7.20
CA PHE B 105 -11.98 2.09 -8.38
C PHE B 105 -12.18 0.87 -9.28
N GLY B 106 -12.07 -0.33 -8.71
CA GLY B 106 -12.38 -1.59 -9.42
C GLY B 106 -11.19 -2.13 -10.18
N ALA B 107 -11.37 -3.27 -10.87
CA ALA B 107 -10.34 -3.93 -11.70
C ALA B 107 -10.13 -3.15 -13.01
N GLY B 108 -8.90 -3.06 -13.50
CA GLY B 108 -8.59 -2.51 -14.84
C GLY B 108 -7.18 -1.98 -14.92
N ILE B 109 -6.84 -1.20 -15.97
CA ILE B 109 -5.48 -0.60 -16.15
C ILE B 109 -5.50 0.82 -15.57
N TYR B 110 -4.63 1.09 -14.60
CA TYR B 110 -4.65 2.32 -13.78
C TYR B 110 -3.67 3.36 -14.34
N PHE B 111 -4.17 4.59 -14.45
CA PHE B 111 -3.40 5.80 -14.81
C PHE B 111 -3.67 6.87 -13.77
N ALA B 112 -2.81 7.88 -13.71
CA ALA B 112 -2.94 9.00 -12.75
C ALA B 112 -2.60 10.33 -13.45
N GLU B 113 -3.28 11.41 -13.04
CA GLU B 113 -2.90 12.76 -13.52
C GLU B 113 -1.72 13.26 -12.67
N ASN B 114 -1.45 12.64 -11.53
CA ASN B 114 -0.31 12.99 -10.65
C ASN B 114 0.78 11.94 -10.77
N SER B 115 1.97 12.34 -11.25
CA SER B 115 3.11 11.41 -11.44
C SER B 115 3.42 10.67 -10.14
N SER B 116 3.29 11.33 -8.98
CA SER B 116 3.64 10.72 -7.67
C SER B 116 2.66 9.59 -7.33
N LYS B 117 1.43 9.63 -7.83
CA LYS B 117 0.48 8.50 -7.66
C LYS B 117 1.01 7.31 -8.48
N SER B 118 1.37 7.52 -9.74
CA SER B 118 1.89 6.44 -10.60
C SER B 118 3.18 5.87 -9.98
N ASN B 119 3.98 6.71 -9.33
CA ASN B 119 5.26 6.30 -8.71
C ASN B 119 4.98 5.25 -7.61
N GLN B 120 3.81 5.28 -6.98
CA GLN B 120 3.41 4.33 -5.90
C GLN B 120 3.13 2.94 -6.47
N TYR B 121 2.97 2.80 -7.78
CA TYR B 121 2.64 1.51 -8.44
C TYR B 121 3.83 0.91 -9.20
N VAL B 122 4.96 1.63 -9.28
CA VAL B 122 6.13 1.22 -10.11
C VAL B 122 6.61 -0.17 -9.66
N TYR B 123 6.65 -0.42 -8.35
CA TYR B 123 7.14 -1.70 -7.78
C TYR B 123 5.98 -2.61 -7.35
N GLY B 124 4.74 -2.30 -7.76
CA GLY B 124 3.56 -3.13 -7.48
C GLY B 124 2.54 -2.39 -6.64
N ILE B 125 1.45 -3.08 -6.30
CA ILE B 125 0.33 -2.55 -5.46
C ILE B 125 0.92 -2.03 -4.15
N GLY B 126 0.60 -0.78 -3.79
CA GLY B 126 1.09 -0.13 -2.56
C GLY B 126 2.61 -0.14 -2.48
N GLY B 127 3.28 -0.15 -3.64
CA GLY B 127 4.75 -0.15 -3.75
C GLY B 127 5.34 -1.55 -3.68
N GLY B 128 4.49 -2.58 -3.57
CA GLY B 128 4.92 -4.00 -3.43
C GLY B 128 5.96 -4.13 -2.34
N THR B 129 7.08 -4.80 -2.64
CA THR B 129 8.22 -4.93 -1.70
C THR B 129 9.31 -3.91 -2.08
N GLY B 130 8.98 -2.89 -2.87
CA GLY B 130 9.94 -1.85 -3.24
C GLY B 130 10.87 -2.36 -4.33
N CYS B 131 12.05 -1.76 -4.46
CA CYS B 131 12.98 -2.07 -5.58
C CYS B 131 13.37 -3.55 -5.50
N PRO B 132 13.51 -4.25 -6.65
CA PRO B 132 13.90 -5.66 -6.63
C PRO B 132 15.21 -5.92 -5.84
N THR B 133 16.19 -5.00 -5.92
CA THR B 133 17.57 -5.17 -5.40
C THR B 133 17.58 -5.02 -3.87
N HIS B 134 17.04 -3.92 -3.34
CA HIS B 134 17.17 -3.54 -1.90
C HIS B 134 15.85 -3.77 -1.14
N LYS B 135 14.79 -4.21 -1.82
CA LYS B 135 13.44 -4.41 -1.22
C LYS B 135 13.04 -3.15 -0.47
N ASP B 136 13.27 -1.99 -1.10
CA ASP B 136 13.13 -0.64 -0.48
C ASP B 136 12.16 0.20 -1.31
N ARG B 137 10.97 0.51 -0.78
CA ARG B 137 9.95 1.32 -1.50
C ARG B 137 10.45 2.77 -1.65
N SER B 138 11.41 3.22 -0.82
CA SER B 138 11.98 4.59 -0.87
C SER B 138 13.42 4.58 -1.41
N CYS B 139 13.80 3.58 -2.20
CA CYS B 139 15.19 3.47 -2.76
C CYS B 139 15.49 4.76 -3.53
N TYR B 140 16.62 5.39 -3.21
CA TYR B 140 17.16 6.60 -3.88
C TYR B 140 18.27 6.20 -4.83
N ILE B 141 18.57 4.90 -4.97
CA ILE B 141 19.67 4.37 -5.82
C ILE B 141 19.09 3.85 -7.14
N CYS B 142 18.19 2.87 -7.05
CA CYS B 142 17.69 2.12 -8.24
C CYS B 142 16.97 3.09 -9.17
N HIS B 143 17.22 2.98 -10.47
CA HIS B 143 16.51 3.76 -11.50
C HIS B 143 15.10 3.20 -11.61
N ARG B 144 14.11 4.10 -11.56
CA ARG B 144 12.71 3.75 -11.78
C ARG B 144 12.34 4.15 -13.22
N GLN B 145 11.30 3.53 -13.74
CA GLN B 145 10.70 3.95 -15.02
C GLN B 145 9.20 4.14 -14.81
N MET B 146 8.66 5.20 -15.42
CA MET B 146 7.21 5.38 -15.54
C MET B 146 6.88 5.81 -16.97
N LEU B 147 5.61 5.67 -17.35
CA LEU B 147 5.14 6.09 -18.68
C LEU B 147 4.30 7.35 -18.55
N PHE B 148 4.37 8.17 -19.59
CA PHE B 148 3.44 9.28 -19.82
C PHE B 148 2.70 8.96 -21.12
N CYS B 149 1.39 8.71 -21.00
CA CYS B 149 0.60 7.98 -22.02
C CYS B 149 -0.53 8.86 -22.54
N ARG B 150 -0.85 8.67 -23.82
CA ARG B 150 -2.11 9.17 -24.43
C ARG B 150 -3.20 8.17 -24.05
N VAL B 151 -4.26 8.62 -23.38
CA VAL B 151 -5.33 7.71 -22.85
C VAL B 151 -6.67 8.21 -23.38
N THR B 152 -7.38 7.31 -24.06
CA THR B 152 -8.75 7.55 -24.55
C THR B 152 -9.73 7.23 -23.41
N LEU B 153 -10.42 8.23 -22.85
CA LEU B 153 -11.31 8.00 -21.68
C LEU B 153 -12.76 7.76 -22.11
N GLY B 154 -13.14 8.24 -23.29
CA GLY B 154 -14.54 8.27 -23.78
C GLY B 154 -15.47 8.76 -22.68
N LYS B 155 -16.54 8.02 -22.41
CA LYS B 155 -17.51 8.36 -21.35
C LYS B 155 -17.03 7.77 -20.03
N SER B 156 -16.68 8.63 -19.07
CA SER B 156 -16.16 8.22 -17.73
C SER B 156 -17.32 8.07 -16.75
N PHE B 157 -17.25 7.01 -15.94
CA PHE B 157 -18.00 6.88 -14.68
C PHE B 157 -17.20 7.57 -13.57
N LEU B 158 -17.80 8.56 -12.93
CA LEU B 158 -17.14 9.30 -11.83
C LEU B 158 -17.46 8.57 -10.52
N GLN B 159 -16.40 8.09 -9.88
CA GLN B 159 -16.49 7.36 -8.60
C GLN B 159 -15.81 8.22 -7.53
N PHE B 160 -16.54 8.58 -6.47
CA PHE B 160 -15.97 9.24 -5.28
C PHE B 160 -15.98 8.21 -4.14
N SER B 161 -14.80 7.84 -3.68
CA SER B 161 -14.56 6.82 -2.62
C SER B 161 -14.78 5.42 -3.20
N THR B 162 -14.66 4.38 -2.36
CA THR B 162 -14.66 2.95 -2.75
C THR B 162 -15.84 2.65 -3.68
N MET B 163 -15.58 2.13 -4.88
CA MET B 163 -16.61 1.69 -5.86
C MET B 163 -17.31 0.44 -5.32
N LYS B 164 -18.65 0.41 -5.39
CA LYS B 164 -19.48 -0.71 -4.84
C LYS B 164 -19.34 -1.95 -5.74
N MET B 165 -18.90 -1.78 -7.00
CA MET B 165 -18.74 -2.86 -8.01
C MET B 165 -17.26 -2.93 -8.43
N ALA B 166 -16.87 -4.00 -9.12
CA ALA B 166 -15.49 -4.22 -9.64
C ALA B 166 -15.34 -3.61 -11.04
N HIS B 167 -16.42 -3.10 -11.63
CA HIS B 167 -16.44 -2.57 -13.03
C HIS B 167 -17.45 -1.42 -13.16
N ALA B 168 -17.15 -0.46 -14.04
CA ALA B 168 -18.04 0.68 -14.36
C ALA B 168 -19.37 0.15 -14.88
N PRO B 169 -20.49 0.87 -14.66
CA PRO B 169 -21.76 0.52 -15.29
C PRO B 169 -21.63 0.47 -16.81
N PRO B 170 -22.60 -0.15 -17.52
CA PRO B 170 -22.62 -0.17 -18.99
C PRO B 170 -22.58 1.22 -19.65
N GLY B 171 -21.99 1.28 -20.84
CA GLY B 171 -21.90 2.48 -21.68
C GLY B 171 -20.76 3.40 -21.28
N HIS B 172 -19.95 3.01 -20.30
CA HIS B 172 -18.77 3.77 -19.81
C HIS B 172 -17.48 3.11 -20.33
N HIS B 173 -16.54 3.93 -20.80
CA HIS B 173 -15.23 3.47 -21.36
C HIS B 173 -14.12 3.58 -20.32
N SER B 174 -14.37 4.20 -19.17
CA SER B 174 -13.35 4.48 -18.14
C SER B 174 -14.02 4.79 -16.81
N VAL B 175 -13.26 4.68 -15.72
CA VAL B 175 -13.62 5.21 -14.39
C VAL B 175 -12.67 6.36 -14.06
N ILE B 176 -13.20 7.47 -13.56
CA ILE B 176 -12.36 8.49 -12.89
C ILE B 176 -12.68 8.41 -11.40
N GLY B 177 -11.72 7.93 -10.62
CA GLY B 177 -11.88 7.69 -9.17
C GLY B 177 -11.19 8.77 -8.37
N ARG B 178 -11.85 9.31 -7.36
CA ARG B 178 -11.24 10.26 -6.39
C ARG B 178 -11.62 9.81 -4.98
N PRO B 179 -10.66 9.66 -4.05
CA PRO B 179 -10.99 9.49 -2.63
C PRO B 179 -11.85 10.66 -2.10
N SER B 180 -12.75 10.38 -1.15
CA SER B 180 -13.60 11.41 -0.49
C SER B 180 -12.86 11.96 0.73
N VAL B 181 -11.64 12.46 0.50
CA VAL B 181 -10.65 12.85 1.55
C VAL B 181 -10.10 14.24 1.20
N ASN B 182 -10.38 15.24 2.03
CA ASN B 182 -9.86 16.62 1.83
C ASN B 182 -8.32 16.56 1.76
N GLY B 183 -7.73 17.07 0.67
CA GLY B 183 -6.27 17.13 0.47
C GLY B 183 -5.69 15.85 -0.09
N LEU B 184 -6.53 14.86 -0.42
CA LEU B 184 -6.05 13.59 -1.03
C LEU B 184 -7.00 13.15 -2.15
N ALA B 185 -7.79 14.09 -2.70
CA ALA B 185 -8.73 13.84 -3.82
C ALA B 185 -7.95 13.87 -5.13
N TYR B 186 -6.96 12.99 -5.29
CA TYR B 186 -6.17 12.88 -6.54
C TYR B 186 -6.84 11.82 -7.43
N ALA B 187 -7.01 12.16 -8.70
CA ALA B 187 -7.83 11.36 -9.64
C ALA B 187 -6.99 10.20 -10.17
N GLU B 188 -7.57 9.02 -10.13
CA GLU B 188 -7.04 7.82 -10.81
C GLU B 188 -8.00 7.49 -11.95
N TYR B 189 -7.44 7.09 -13.08
CA TYR B 189 -8.16 6.85 -14.36
C TYR B 189 -8.01 5.38 -14.68
N VAL B 190 -9.13 4.68 -14.81
CA VAL B 190 -9.14 3.21 -15.06
C VAL B 190 -9.74 2.99 -16.45
N ILE B 191 -9.01 2.27 -17.31
CA ILE B 191 -9.55 1.78 -18.61
C ILE B 191 -9.55 0.26 -18.59
N TYR B 192 -10.28 -0.33 -19.52
CA TYR B 192 -10.52 -1.79 -19.58
C TYR B 192 -9.97 -2.42 -20.85
N ARG B 193 -9.62 -1.61 -21.85
CA ARG B 193 -9.06 -2.09 -23.14
C ARG B 193 -7.66 -1.47 -23.32
N GLY B 194 -6.65 -2.30 -23.55
CA GLY B 194 -5.25 -1.86 -23.75
C GLY B 194 -5.13 -0.83 -24.88
N GLU B 195 -5.98 -0.91 -25.91
CA GLU B 195 -5.91 -0.02 -27.10
C GLU B 195 -6.46 1.37 -26.75
N GLN B 196 -6.96 1.57 -25.53
CA GLN B 196 -7.33 2.93 -25.05
C GLN B 196 -6.13 3.68 -24.48
N ALA B 197 -4.91 3.13 -24.54
CA ALA B 197 -3.72 3.88 -24.11
C ALA B 197 -2.57 3.62 -25.07
N TYR B 198 -1.81 4.66 -25.34
CA TYR B 198 -0.58 4.60 -26.14
C TYR B 198 0.56 5.09 -25.26
N PRO B 199 1.61 4.27 -25.07
CA PRO B 199 2.74 4.63 -24.21
C PRO B 199 3.71 5.61 -24.87
N GLU B 200 3.40 6.90 -24.88
CA GLU B 200 4.10 7.94 -25.68
C GLU B 200 5.52 8.16 -25.19
N TYR B 201 5.72 8.21 -23.88
CA TYR B 201 7.02 8.58 -23.28
C TYR B 201 7.39 7.61 -22.17
N LEU B 202 8.65 7.17 -22.22
CA LEU B 202 9.27 6.33 -21.16
C LEU B 202 10.19 7.25 -20.40
N ILE B 203 9.90 7.46 -19.13
CA ILE B 203 10.72 8.33 -18.25
C ILE B 203 11.53 7.43 -17.32
N THR B 204 12.86 7.61 -17.34
CA THR B 204 13.79 6.94 -16.41
C THR B 204 14.21 8.00 -15.38
N TYR B 205 14.11 7.67 -14.09
CA TYR B 205 14.25 8.67 -13.02
C TYR B 205 14.68 8.00 -11.72
N GLN B 206 15.19 8.82 -10.82
CA GLN B 206 15.29 8.51 -9.37
C GLN B 206 14.39 9.47 -8.60
N ILE B 207 13.81 9.00 -7.51
CA ILE B 207 13.26 9.92 -6.48
C ILE B 207 14.48 10.50 -5.76
N MET B 208 14.41 11.77 -5.39
CA MET B 208 15.50 12.49 -4.69
C MET B 208 15.18 12.57 -3.19
N LYS B 209 16.18 12.28 -2.36
CA LYS B 209 16.09 12.45 -0.89
C LYS B 209 16.03 13.94 -0.60
N PRO B 210 15.01 14.44 0.13
CA PRO B 210 14.91 15.88 0.44
C PRO B 210 16.05 16.38 1.35
#